data_3OXJ
#
_entry.id   3OXJ
#
_cell.length_a   84.215
_cell.length_b   84.215
_cell.length_c   201.382
_cell.angle_alpha   90.00
_cell.angle_beta   90.00
_cell.angle_gamma   120.00
#
_symmetry.space_group_name_H-M   'P 32 2 1'
#
loop_
_entity.id
_entity.type
_entity.pdbx_description
1 polymer 'domain II of glycine riboswitch'
2 non-polymer GLYCINE
3 non-polymer 'BARIUM ION'
4 non-polymer 'MAGNESIUM ION'
5 water water
#
_entity_poly.entity_id   1
_entity_poly.type   'polyribonucleotide'
_entity_poly.pdbx_seq_one_letter_code
;(GDP)GCUCUGGAGAGAACCGUUUAAUCGGUCGCCGAAGGAGCAAGCUCUGCGGAAACGCAGAGUGAAACUCUCAGGCAA
AAGGACAGAGU(CCC)
;
_entity_poly.pdbx_strand_id   A,B
#
loop_
_chem_comp.id
_chem_comp.type
_chem_comp.name
_chem_comp.formula
A RNA linking ADENOSINE-5'-MONOPHOSPHATE 'C10 H14 N5 O7 P'
BA non-polymer 'BARIUM ION' 'Ba 2'
C RNA linking CYTIDINE-5'-MONOPHOSPHATE 'C9 H14 N3 O8 P'
CCC RNA linking 'CYTIDINE-5'-PHOSPHATE-2',3'-CYCLIC PHOSPHATE' 'C9 H13 N3 O10 P2'
G RNA linking GUANOSINE-5'-MONOPHOSPHATE 'C10 H14 N5 O8 P'
GDP RNA linking GUANOSINE-5'-DIPHOSPHATE 'C10 H15 N5 O11 P2'
MG non-polymer 'MAGNESIUM ION' 'Mg 2'
U RNA linking URIDINE-5'-MONOPHOSPHATE 'C9 H13 N2 O9 P'
#
# COMPACT_ATOMS: atom_id res chain seq x y z
PB GDP A 1 0.33 9.35 5.51
O1B GDP A 1 -0.29 10.20 4.41
O2B GDP A 1 1.59 9.98 6.03
O3B GDP A 1 0.58 7.85 4.96
O3A GDP A 1 -0.73 9.13 6.68
PA GDP A 1 -0.23 8.95 8.20
O1A GDP A 1 0.94 7.99 8.22
O2A GDP A 1 -1.35 8.47 9.10
O5' GDP A 1 0.26 10.43 8.62
C5' GDP A 1 0.92 10.63 9.85
C4' GDP A 1 0.12 11.56 10.76
O4' GDP A 1 -0.61 12.53 10.03
C3' GDP A 1 -0.95 10.84 11.54
O3' GDP A 1 -0.46 10.13 12.65
C2' GDP A 1 -1.92 11.94 11.96
O2' GDP A 1 -1.41 12.70 13.03
C1' GDP A 1 -1.87 12.76 10.66
N9 GDP A 1 -2.99 12.29 9.81
C8 GDP A 1 -2.91 11.60 8.63
N7 GDP A 1 -4.16 11.34 8.18
C5 GDP A 1 -5.04 11.87 9.05
C6 GDP A 1 -6.44 11.89 9.07
O6 GDP A 1 -7.07 11.37 8.15
N1 GDP A 1 -7.09 12.51 10.11
C2 GDP A 1 -6.38 13.09 11.13
N2 GDP A 1 -7.01 13.69 12.14
N3 GDP A 1 -5.00 13.06 11.11
C4 GDP A 1 -4.33 12.47 10.08
PC CCC A 88 -13.72 17.14 12.17
O1C CCC A 88 -14.12 18.08 11.07
O2C CCC A 88 -13.21 17.86 13.38
P CCC A 88 -17.34 11.97 10.11
OP1 CCC A 88 -18.64 12.61 10.55
OP2 CCC A 88 -17.00 11.87 8.64
O5' CCC A 88 -16.12 12.70 10.86
C5' CCC A 88 -16.20 13.06 12.25
C4' CCC A 88 -14.93 13.83 12.63
O4' CCC A 88 -13.81 12.98 12.37
C3' CCC A 88 -14.78 15.07 11.77
O3' CCC A 88 -14.95 16.23 12.58
C2' CCC A 88 -13.37 15.01 11.19
O2' CCC A 88 -12.59 16.12 11.62
C1' CCC A 88 -12.76 13.74 11.77
N1 CCC A 88 -12.09 12.94 10.74
C2 CCC A 88 -10.76 12.83 10.73
O2 CCC A 88 -10.06 13.38 11.57
N3 CCC A 88 -10.20 12.09 9.79
C4 CCC A 88 -11.03 11.52 8.92
N4 CCC A 88 -10.55 10.77 7.93
C5 CCC A 88 -12.27 11.70 9.02
C6 CCC A 88 -12.75 12.36 9.89
PB GDP B 1 -6.07 -2.02 -10.97
O1B GDP B 1 -6.53 -0.88 -11.84
O2B GDP B 1 -6.94 -3.25 -11.17
O3B GDP B 1 -6.11 -1.52 -9.42
O3A GDP B 1 -4.51 -2.36 -11.23
PA GDP B 1 -3.94 -3.86 -11.37
O1A GDP B 1 -4.43 -4.70 -10.21
O2A GDP B 1 -2.43 -3.86 -11.42
O5' GDP B 1 -4.57 -4.40 -12.76
C5' GDP B 1 -4.56 -5.78 -13.06
C4' GDP B 1 -4.56 -6.01 -14.57
O4' GDP B 1 -5.07 -4.91 -15.29
C3' GDP B 1 -3.16 -6.18 -15.14
O3' GDP B 1 -2.63 -7.47 -14.96
C2' GDP B 1 -3.27 -5.79 -16.60
O2' GDP B 1 -3.87 -6.81 -17.36
C1' GDP B 1 -4.26 -4.64 -16.42
N9 GDP B 1 -3.47 -3.39 -16.23
C8 GDP B 1 -3.45 -2.60 -15.11
N7 GDP B 1 -2.61 -1.56 -15.33
C5 GDP B 1 -2.09 -1.68 -16.57
C6 GDP B 1 -1.19 -0.89 -17.29
O6 GDP B 1 -0.72 0.12 -16.78
N1 GDP B 1 -0.83 -1.26 -18.57
C2 GDP B 1 -1.37 -2.40 -19.14
N2 GDP B 1 -1.02 -2.75 -20.37
N3 GDP B 1 -2.26 -3.17 -18.42
C4 GDP B 1 -2.62 -2.82 -17.16
PC CCC B 88 0.34 0.94 -26.33
O1C CCC B 88 -0.76 1.92 -26.69
O2C CCC B 88 0.20 -0.36 -27.08
P CCC B 88 4.55 5.26 -23.81
OP1 CCC B 88 4.86 6.60 -24.44
OP2 CCC B 88 3.66 5.23 -22.60
O5' CCC B 88 3.90 4.30 -24.93
C5' CCC B 88 4.47 3.04 -25.33
C4' CCC B 88 3.52 1.87 -25.04
O4' CCC B 88 3.50 1.59 -23.64
C3' CCC B 88 2.08 2.22 -25.42
O3' CCC B 88 1.75 1.59 -26.65
C2' CCC B 88 1.23 1.66 -24.26
O2' CCC B 88 0.33 0.67 -24.74
C1' CCC B 88 2.24 1.01 -23.31
N1 CCC B 88 1.89 1.27 -21.92
C2 CCC B 88 1.10 0.42 -21.24
O2 CCC B 88 0.65 -0.59 -21.76
N3 CCC B 88 0.82 0.69 -19.97
C4 CCC B 88 1.35 1.81 -19.48
N4 CCC B 88 1.11 2.16 -18.22
C5 CCC B 88 2.08 2.54 -20.21
C6 CCC B 88 2.32 2.26 -21.35
N GLY C . 13.56 -1.08 13.65
CA GLY C . 12.94 -1.70 12.45
C GLY C . 13.47 -3.09 12.16
O GLY C . 14.37 -3.59 12.83
OXT GLY C . 13.00 -3.74 11.22
BA BA D . -5.82 8.99 6.20
BA BA E . -3.53 -5.87 20.61
BA BA F . -4.42 -2.32 18.36
BA BA G . -1.21 -9.04 21.41
BA BA H . 10.44 -10.86 29.73
BA BA I . 8.23 -11.21 7.17
BA BA J . 20.32 -7.75 47.24
BA BA K . 17.40 -3.89 24.01
BA BA L . 13.65 5.56 6.08
BA BA M . 19.92 -2.52 20.96
BA BA N . 25.60 7.08 -2.21
BA BA O . -4.88 -6.36 18.88
BA BA P . 24.08 6.69 -8.24
MG MG Q . 9.60 0.12 10.87
MG MG R . 13.57 -6.55 8.88
MG MG S . 5.51 -10.72 25.62
MG MG T . 18.64 -11.95 8.82
MG MG U . 26.27 14.74 -20.41
MG MG V . 19.98 10.22 -0.53
MG MG W . 19.03 -6.02 33.28
MG MG X . 31.73 18.46 -25.85
MG MG Y . 13.02 -9.68 39.41
MG MG Z . 13.12 -15.97 37.99
MG MG AA . 6.30 -16.03 20.40
N GLY BA . 1.86 -20.15 -0.16
CA GLY BA . 2.10 -18.78 0.33
C GLY BA . 2.48 -18.75 1.79
O GLY BA . 2.45 -17.70 2.42
OXT GLY BA . 2.82 -19.78 2.39
BA BA CA . 16.59 -13.69 -9.51
BA BA DA . 18.01 -14.30 -6.99
BA BA EA . 12.72 -9.54 -11.24
BA BA FA . 13.77 -34.78 -5.78
BA BA GA . -0.50 0.56 -13.52
BA BA HA . 21.88 -39.11 -6.19
BA BA IA . -6.77 -15.21 -0.87
BA BA JA . -20.48 -15.01 9.51
BA BA KA . -22.02 -11.98 15.45
BA BA LA . -40.12 -14.19 34.45
BA BA MA . 16.40 -10.54 -9.29
MG MG NA . 3.33 -16.47 5.67
MG MG OA . 18.35 -21.52 -4.38
MG MG PA . 4.39 -29.35 -0.17
MG MG QA . -15.75 -16.27 3.42
MG MG RA . -36.63 -12.43 20.19
MG MG SA . 5.14 -20.26 11.85
MG MG TA . 20.95 -20.16 3.40
MG MG UA . 23.86 -47.48 -6.36
MG MG VA . 0.94 -15.12 -1.61
MG MG WA . 18.42 -27.63 -3.88
#